data_2RF0
#
_entry.id   2RF0
#
_cell.length_a   69.680
_cell.length_b   69.680
_cell.length_c   103.980
_cell.angle_alpha   90.00
_cell.angle_beta   90.00
_cell.angle_gamma   120.00
#
_symmetry.space_group_name_H-M   'P 32 1 2'
#
loop_
_entity.id
_entity.type
_entity.pdbx_description
1 polymer 'Mitogen-activated protein kinase kinase kinase 10'
2 non-polymer 1,2-ETHANEDIOL
3 water water
#
_entity_poly.entity_id   1
_entity_poly.type   'polypeptide(L)'
_entity_poly.pdbx_seq_one_letter_code
;MHHHHHHSSGVDLGTENLYFQSMGTTPAGPVWTAVFDYEAAGDEELTLRRGDRVQVLSQDCAVSGDEGWWTGQLPSGRVG
VFPSNYVAP
;
_entity_poly.pdbx_strand_id   A,B,C,D
#
loop_
_chem_comp.id
_chem_comp.type
_chem_comp.name
_chem_comp.formula
EDO non-polymer 1,2-ETHANEDIOL 'C2 H6 O2'
#
# COMPACT_ATOMS: atom_id res chain seq x y z
N ALA A 28 -13.65 -12.41 1.45
CA ALA A 28 -12.44 -11.64 1.03
C ALA A 28 -12.59 -10.17 1.42
N GLY A 29 -11.46 -9.52 1.69
CA GLY A 29 -11.37 -8.05 1.98
C GLY A 29 -10.07 -7.59 1.36
N PRO A 30 -9.85 -6.27 1.24
CA PRO A 30 -8.63 -5.81 0.60
C PRO A 30 -7.40 -6.17 1.43
N VAL A 31 -6.36 -6.63 0.76
CA VAL A 31 -5.16 -7.11 1.43
C VAL A 31 -3.99 -6.14 1.19
N TRP A 32 -3.46 -5.59 2.28
CA TRP A 32 -2.29 -4.71 2.27
C TRP A 32 -1.10 -5.48 2.82
N THR A 33 0.10 -5.16 2.36
CA THR A 33 1.32 -5.86 2.83
C THR A 33 2.11 -4.98 3.73
N ALA A 34 2.52 -5.49 4.91
CA ALA A 34 3.33 -4.70 5.82
C ALA A 34 4.70 -4.50 5.15
N VAL A 35 5.16 -3.25 5.15
CA VAL A 35 6.46 -2.89 4.60
C VAL A 35 7.49 -2.69 5.73
N PHE A 36 7.03 -2.49 6.94
CA PHE A 36 7.90 -2.31 8.09
C PHE A 36 7.39 -3.21 9.18
N ASP A 37 8.28 -3.54 10.11
CA ASP A 37 7.88 -4.26 11.32
C ASP A 37 7.22 -3.28 12.26
N TYR A 38 6.11 -3.70 12.87
CA TYR A 38 5.50 -2.92 13.92
C TYR A 38 5.27 -3.88 15.07
N GLU A 39 5.69 -3.47 16.27
CA GLU A 39 5.48 -4.25 17.52
C GLU A 39 4.26 -3.70 18.30
N ALA A 40 3.30 -4.56 18.63
CA ALA A 40 2.10 -4.13 19.36
C ALA A 40 2.48 -3.52 20.71
N ALA A 41 1.83 -2.44 21.10
CA ALA A 41 1.90 -1.98 22.50
C ALA A 41 0.86 -2.71 23.32
N GLY A 42 -0.39 -2.66 22.86
CA GLY A 42 -1.51 -3.25 23.60
C GLY A 42 -2.06 -4.54 22.97
N ASP A 43 -2.90 -5.19 23.77
CA ASP A 43 -3.51 -6.46 23.40
C ASP A 43 -4.43 -6.28 22.20
N GLU A 44 -4.91 -5.05 22.03
CA GLU A 44 -5.79 -4.72 20.93
C GLU A 44 -5.04 -4.63 19.60
N GLU A 45 -3.73 -4.39 19.67
CA GLU A 45 -2.95 -4.07 18.48
C GLU A 45 -2.36 -5.30 17.84
N LEU A 46 -2.20 -5.25 16.53
CA LEU A 46 -1.52 -6.28 15.78
C LEU A 46 -0.03 -6.00 15.79
N THR A 47 0.74 -7.07 15.88
CA THR A 47 2.14 -7.03 15.55
C THR A 47 2.23 -7.34 14.07
N LEU A 48 2.98 -6.50 13.36
CA LEU A 48 3.23 -6.70 11.96
C LEU A 48 4.70 -6.96 11.79
N ARG A 49 5.01 -7.94 10.96
CA ARG A 49 6.39 -8.18 10.55
C ARG A 49 6.38 -7.93 9.06
N ARG A 50 7.49 -7.36 8.57
CA ARG A 50 7.65 -7.05 7.16
C ARG A 50 7.15 -8.22 6.30
N GLY A 51 6.34 -7.90 5.30
CA GLY A 51 5.80 -8.93 4.41
C GLY A 51 4.51 -9.60 4.88
N ASP A 52 4.01 -9.26 6.08
CA ASP A 52 2.73 -9.83 6.56
C ASP A 52 1.62 -9.31 5.69
N ARG A 53 0.72 -10.19 5.26
CA ARG A 53 -0.49 -9.80 4.56
C ARG A 53 -1.63 -9.50 5.53
N VAL A 54 -2.23 -8.32 5.40
CA VAL A 54 -3.29 -7.88 6.29
C VAL A 54 -4.57 -7.54 5.55
N GLN A 55 -5.66 -8.23 5.87
CA GLN A 55 -6.94 -7.92 5.30
C GLN A 55 -7.47 -6.78 6.13
N VAL A 56 -7.72 -5.64 5.50
CA VAL A 56 -8.24 -4.46 6.21
C VAL A 56 -9.76 -4.57 6.31
N LEU A 57 -10.25 -4.73 7.53
CA LEU A 57 -11.70 -4.84 7.78
C LEU A 57 -12.35 -3.45 7.81
N SER A 58 -11.62 -2.44 8.24
CA SER A 58 -12.14 -1.08 8.28
C SER A 58 -11.03 -0.09 8.39
N GLN A 59 -11.19 1.02 7.69
CA GLN A 59 -10.27 2.15 7.84
C GLN A 59 -10.82 3.17 8.84
N ASP A 60 -11.94 2.86 9.48
CA ASP A 60 -12.66 3.84 10.23
C ASP A 60 -12.06 3.97 11.64
N CYS A 61 -11.77 5.21 12.02
CA CYS A 61 -11.14 5.48 13.29
C CYS A 61 -12.13 5.30 14.44
N ALA A 62 -13.43 5.31 14.14
CA ALA A 62 -14.48 4.95 15.12
C ALA A 62 -14.29 3.53 15.60
N VAL A 63 -13.79 2.67 14.72
CA VAL A 63 -13.62 1.25 15.02
C VAL A 63 -12.23 1.01 15.63
N SER A 64 -11.20 1.64 15.05
CA SER A 64 -9.84 1.48 15.57
C SER A 64 -9.60 2.24 16.87
N GLY A 65 -10.24 3.38 17.03
CA GLY A 65 -9.99 4.23 18.19
C GLY A 65 -8.98 5.35 17.98
N ASP A 66 -8.31 5.36 16.84
CA ASP A 66 -7.35 6.42 16.52
C ASP A 66 -7.27 6.68 15.03
N GLU A 67 -7.27 7.96 14.66
CA GLU A 67 -7.00 8.39 13.28
C GLU A 67 -5.69 7.79 12.74
N GLY A 68 -5.75 7.26 11.53
CA GLY A 68 -4.59 6.63 10.87
C GLY A 68 -4.35 5.16 11.19
N TRP A 69 -5.08 4.67 12.21
CA TRP A 69 -5.02 3.29 12.65
C TRP A 69 -6.21 2.59 12.00
N TRP A 70 -5.93 1.44 11.40
CA TRP A 70 -6.95 0.64 10.74
C TRP A 70 -7.19 -0.65 11.53
N THR A 71 -8.20 -1.42 11.12
CA THR A 71 -8.50 -2.71 11.77
C THR A 71 -8.30 -3.76 10.72
N GLY A 72 -7.46 -4.72 11.07
CA GLY A 72 -7.03 -5.74 10.13
C GLY A 72 -7.13 -7.13 10.70
N GLN A 73 -6.96 -8.11 9.82
CA GLN A 73 -6.99 -9.51 10.20
C GLN A 73 -5.87 -10.24 9.49
N LEU A 74 -5.16 -11.12 10.20
CA LEU A 74 -4.04 -11.86 9.63
C LEU A 74 -4.53 -13.18 9.12
N PRO A 75 -3.75 -13.85 8.25
CA PRO A 75 -4.02 -15.24 7.87
C PRO A 75 -4.28 -16.15 9.07
N SER A 76 -3.67 -15.85 10.21
CA SER A 76 -4.02 -16.44 11.50
C SER A 76 -5.53 -16.45 11.69
N GLY A 77 -6.16 -15.35 11.30
CA GLY A 77 -7.53 -15.05 11.68
C GLY A 77 -7.55 -14.04 12.81
N ARG A 78 -6.40 -13.83 13.44
CA ARG A 78 -6.21 -12.80 14.45
C ARG A 78 -6.60 -11.43 13.87
N VAL A 79 -7.43 -10.71 14.62
CA VAL A 79 -7.91 -9.40 14.26
C VAL A 79 -7.36 -8.41 15.28
N GLY A 80 -6.99 -7.21 14.83
CA GLY A 80 -6.50 -6.14 15.70
C GLY A 80 -6.25 -4.81 14.98
N VAL A 81 -5.84 -3.79 15.73
CA VAL A 81 -5.66 -2.47 15.14
C VAL A 81 -4.19 -2.26 14.84
N PHE A 82 -3.89 -1.46 13.82
CA PHE A 82 -2.49 -1.23 13.47
C PHE A 82 -2.34 0.08 12.73
N PRO A 83 -1.11 0.61 12.73
CA PRO A 83 -0.85 1.90 12.12
C PRO A 83 -0.71 1.76 10.63
N SER A 84 -1.48 2.57 9.90
CA SER A 84 -1.67 2.37 8.47
C SER A 84 -0.42 2.73 7.69
N ASN A 85 0.49 3.45 8.33
CA ASN A 85 1.71 3.87 7.65
C ASN A 85 2.74 2.72 7.57
N TYR A 86 2.34 1.55 8.05
CA TYR A 86 3.19 0.35 7.98
C TYR A 86 2.84 -0.58 6.83
N VAL A 87 1.79 -0.26 6.08
CA VAL A 87 1.33 -1.15 5.04
C VAL A 87 1.34 -0.42 3.71
N ALA A 88 1.44 -1.19 2.64
CA ALA A 88 1.47 -0.69 1.24
C ALA A 88 0.49 -1.52 0.43
N PRO A 89 -0.05 -0.95 -0.68
CA PRO A 89 -0.87 -1.81 -1.56
C PRO A 89 -0.06 -2.97 -2.09
N ALA B 28 -8.22 4.13 -25.38
CA ALA B 28 -8.05 5.25 -24.37
C ALA B 28 -6.91 4.97 -23.38
N GLY B 29 -7.23 4.18 -22.36
CA GLY B 29 -6.29 3.86 -21.26
C GLY B 29 -6.81 2.54 -20.70
N PRO B 30 -5.98 1.81 -19.94
CA PRO B 30 -6.47 0.54 -19.42
C PRO B 30 -7.56 0.73 -18.39
N VAL B 31 -8.51 -0.20 -18.37
CA VAL B 31 -9.66 -0.13 -17.45
C VAL B 31 -9.66 -1.34 -16.51
N TRP B 32 -9.60 -1.04 -15.23
CA TRP B 32 -9.65 -2.05 -14.16
C TRP B 32 -10.98 -1.92 -13.44
N THR B 33 -11.37 -2.99 -12.77
CA THR B 33 -12.63 -3.03 -12.03
C THR B 33 -12.35 -3.06 -10.54
N ALA B 34 -12.97 -2.17 -9.79
CA ALA B 34 -12.87 -2.12 -8.33
C ALA B 34 -13.50 -3.37 -7.73
N VAL B 35 -12.74 -4.06 -6.89
CA VAL B 35 -13.20 -5.31 -6.27
C VAL B 35 -13.54 -5.16 -4.79
N PHE B 36 -13.00 -4.11 -4.18
CA PHE B 36 -13.36 -3.74 -2.83
C PHE B 36 -13.65 -2.26 -2.78
N ASP B 37 -14.56 -1.86 -1.89
CA ASP B 37 -14.82 -0.45 -1.61
C ASP B 37 -13.60 0.18 -0.94
N TYR B 38 -13.26 1.40 -1.35
CA TYR B 38 -12.22 2.21 -0.72
C TYR B 38 -12.77 3.60 -0.46
N GLU B 39 -12.60 4.11 0.75
CA GLU B 39 -13.08 5.45 1.07
C GLU B 39 -11.91 6.45 1.01
N ALA B 40 -12.06 7.47 0.16
CA ALA B 40 -11.08 8.57 0.07
C ALA B 40 -10.69 9.18 1.46
N ALA B 41 -9.37 9.20 1.72
CA ALA B 41 -8.79 9.88 2.87
C ALA B 41 -8.72 11.39 2.65
N GLY B 42 -8.31 11.78 1.45
CA GLY B 42 -8.16 13.19 1.11
C GLY B 42 -8.77 13.48 -0.24
N ASP B 43 -9.04 14.74 -0.54
CA ASP B 43 -9.75 15.13 -1.77
C ASP B 43 -8.98 14.73 -3.04
N GLU B 44 -7.66 14.62 -2.89
CA GLU B 44 -6.80 14.05 -3.92
C GLU B 44 -7.12 12.59 -4.25
N GLU B 45 -7.78 11.86 -3.36
CA GLU B 45 -8.00 10.40 -3.59
C GLU B 45 -9.34 10.08 -4.18
N LEU B 46 -9.44 8.91 -4.83
CA LEU B 46 -10.72 8.40 -5.29
C LEU B 46 -11.38 7.57 -4.18
N THR B 47 -12.69 7.68 -4.09
CA THR B 47 -13.47 6.72 -3.36
C THR B 47 -13.86 5.65 -4.39
N LEU B 48 -13.63 4.37 -4.06
CA LEU B 48 -14.02 3.26 -4.93
C LEU B 48 -15.19 2.48 -4.35
N ARG B 49 -16.06 2.01 -5.24
CA ARG B 49 -17.15 1.11 -4.90
C ARG B 49 -17.01 -0.12 -5.78
N ARG B 50 -17.19 -1.30 -5.20
CA ARG B 50 -17.09 -2.54 -5.93
C ARG B 50 -17.84 -2.43 -7.27
N GLY B 51 -17.19 -2.83 -8.36
CA GLY B 51 -17.81 -2.83 -9.67
C GLY B 51 -17.48 -1.57 -10.48
N ASP B 52 -16.98 -0.52 -9.83
CA ASP B 52 -16.54 0.66 -10.57
C ASP B 52 -15.48 0.30 -11.63
N ARG B 53 -15.62 0.88 -12.83
CA ARG B 53 -14.64 0.68 -13.90
C ARG B 53 -13.72 1.89 -13.85
N VAL B 54 -12.49 1.67 -13.40
CA VAL B 54 -11.50 2.75 -13.23
C VAL B 54 -10.53 2.76 -14.42
N GLN B 55 -10.49 3.88 -15.15
CA GLN B 55 -9.47 4.07 -16.16
C GLN B 55 -8.16 4.45 -15.48
N VAL B 56 -7.13 3.63 -15.66
CA VAL B 56 -5.84 3.94 -15.04
C VAL B 56 -5.05 4.88 -15.90
N LEU B 57 -4.81 6.09 -15.39
CA LEU B 57 -4.14 7.14 -16.12
C LEU B 57 -2.64 7.00 -15.99
N SER B 58 -2.21 6.50 -14.85
CA SER B 58 -0.81 6.35 -14.53
C SER B 58 -0.63 5.42 -13.33
N GLN B 59 0.46 4.65 -13.35
CA GLN B 59 0.86 3.90 -12.18
C GLN B 59 1.90 4.67 -11.36
N ASP B 60 2.50 5.69 -11.97
CA ASP B 60 3.76 6.30 -11.49
C ASP B 60 3.67 6.95 -10.12
N GLU B 67 4.00 4.69 -3.37
CA GLU B 67 4.09 3.49 -4.20
C GLU B 67 2.89 2.53 -4.03
N GLY B 68 2.47 1.95 -5.16
CA GLY B 68 1.28 1.14 -5.22
C GLY B 68 0.01 1.93 -5.31
N TRP B 69 0.11 3.27 -5.27
CA TRP B 69 -1.04 4.12 -5.52
C TRP B 69 -1.00 4.61 -6.95
N TRP B 70 -2.12 4.46 -7.64
CA TRP B 70 -2.20 4.75 -9.06
C TRP B 70 -3.11 5.94 -9.25
N THR B 71 -3.07 6.50 -10.45
CA THR B 71 -3.92 7.63 -10.76
C THR B 71 -5.00 7.21 -11.74
N GLY B 72 -6.25 7.47 -11.37
CA GLY B 72 -7.41 6.98 -12.15
C GLY B 72 -8.50 7.99 -12.39
N GLN B 73 -9.42 7.63 -13.29
CA GLN B 73 -10.62 8.38 -13.54
C GLN B 73 -11.81 7.44 -13.58
N LEU B 74 -12.89 7.87 -12.94
CA LEU B 74 -14.17 7.17 -12.93
C LEU B 74 -15.10 7.67 -14.02
N PRO B 75 -16.13 6.88 -14.37
CA PRO B 75 -17.14 7.30 -15.35
C PRO B 75 -17.79 8.63 -15.00
N SER B 76 -17.86 8.95 -13.70
CA SER B 76 -18.40 10.20 -13.23
C SER B 76 -17.56 11.40 -13.64
N GLY B 77 -16.26 11.17 -13.92
CA GLY B 77 -15.34 12.25 -14.31
C GLY B 77 -14.27 12.48 -13.26
N ARG B 78 -14.55 12.12 -12.01
CA ARG B 78 -13.62 12.34 -10.92
C ARG B 78 -12.28 11.69 -11.23
N VAL B 79 -11.22 12.44 -10.93
CA VAL B 79 -9.84 11.98 -11.10
C VAL B 79 -9.15 11.98 -9.76
N GLY B 80 -8.49 10.88 -9.41
CA GLY B 80 -7.72 10.91 -8.18
C GLY B 80 -6.81 9.73 -8.06
N VAL B 81 -6.11 9.66 -6.93
CA VAL B 81 -5.24 8.54 -6.65
C VAL B 81 -6.01 7.51 -5.81
N PHE B 82 -5.61 6.26 -5.98
CA PHE B 82 -6.31 5.19 -5.28
C PHE B 82 -5.37 4.02 -5.12
N PRO B 83 -5.65 3.17 -4.12
CA PRO B 83 -4.76 2.07 -3.89
C PRO B 83 -4.98 0.96 -4.82
N SER B 84 -3.90 0.50 -5.42
CA SER B 84 -4.01 -0.44 -6.51
C SER B 84 -4.43 -1.86 -6.08
N ASN B 85 -4.37 -2.19 -4.80
CA ASN B 85 -4.84 -3.49 -4.31
C ASN B 85 -6.37 -3.61 -4.26
N TYR B 86 -7.06 -2.57 -4.73
CA TYR B 86 -8.53 -2.57 -4.71
C TYR B 86 -9.16 -2.85 -6.08
N VAL B 87 -8.33 -2.93 -7.14
CA VAL B 87 -8.82 -3.19 -8.49
C VAL B 87 -8.30 -4.50 -9.04
N ALA B 88 -9.02 -5.06 -10.00
CA ALA B 88 -8.62 -6.29 -10.69
C ALA B 88 -8.73 -6.11 -12.18
N PRO B 89 -8.01 -6.92 -12.96
CA PRO B 89 -8.15 -6.78 -14.37
C PRO B 89 -9.58 -7.11 -14.81
N ALA C 28 3.97 -24.55 -29.16
CA ALA C 28 3.27 -23.33 -29.65
C ALA C 28 2.14 -22.94 -28.70
N GLY C 29 1.88 -21.64 -28.59
CA GLY C 29 0.74 -21.14 -27.76
C GLY C 29 0.21 -19.85 -28.33
N PRO C 30 -0.95 -19.39 -27.83
CA PRO C 30 -1.55 -18.21 -28.43
C PRO C 30 -0.79 -16.93 -28.11
N VAL C 31 -0.67 -16.05 -29.09
CA VAL C 31 0.07 -14.82 -28.89
C VAL C 31 -0.89 -13.63 -28.98
N TRP C 32 -0.84 -12.79 -27.96
CA TRP C 32 -1.62 -11.57 -27.88
C TRP C 32 -0.69 -10.39 -28.00
N THR C 33 -1.26 -9.24 -28.28
CA THR C 33 -0.47 -8.00 -28.35
C THR C 33 -0.78 -7.07 -27.21
N ALA C 34 0.25 -6.54 -26.54
CA ALA C 34 0.01 -5.51 -25.52
C ALA C 34 -0.49 -4.27 -26.20
N VAL C 35 -1.57 -3.69 -25.65
CA VAL C 35 -2.15 -2.45 -26.20
C VAL C 35 -1.92 -1.25 -25.30
N PHE C 36 -1.51 -1.48 -24.05
CA PHE C 36 -1.14 -0.41 -23.14
C PHE C 36 0.14 -0.84 -22.44
N ASP C 37 0.89 0.13 -21.95
CA ASP C 37 2.08 -0.16 -21.18
C ASP C 37 1.68 -0.54 -19.74
N TYR C 38 2.30 -1.61 -19.21
CA TYR C 38 2.15 -1.98 -17.78
C TYR C 38 3.53 -2.03 -17.13
N GLU C 39 3.72 -1.30 -16.02
CA GLU C 39 4.96 -1.37 -15.26
C GLU C 39 4.81 -2.38 -14.12
N ALA C 40 5.65 -3.42 -14.13
CA ALA C 40 5.65 -4.45 -13.11
C ALA C 40 5.65 -3.85 -11.69
N ALA C 41 4.90 -4.44 -10.78
CA ALA C 41 5.04 -4.07 -9.35
C ALA C 41 6.15 -4.90 -8.71
N GLY C 42 6.18 -6.18 -9.05
CA GLY C 42 7.18 -7.12 -8.53
C GLY C 42 7.92 -7.82 -9.65
N ASP C 43 9.02 -8.48 -9.28
CA ASP C 43 9.87 -9.19 -10.23
C ASP C 43 9.18 -10.42 -10.84
N GLU C 44 8.07 -10.86 -10.23
CA GLU C 44 7.23 -11.93 -10.75
C GLU C 44 6.32 -11.47 -11.89
N GLU C 45 6.10 -10.15 -11.99
CA GLU C 45 5.23 -9.58 -13.01
C GLU C 45 6.02 -9.13 -14.26
N LEU C 46 5.40 -9.27 -15.40
CA LEU C 46 5.98 -8.74 -16.64
C LEU C 46 5.77 -7.23 -16.69
N THR C 47 6.74 -6.51 -17.27
CA THR C 47 6.52 -5.15 -17.76
C THR C 47 6.13 -5.29 -19.22
N LEU C 48 5.09 -4.56 -19.61
CA LEU C 48 4.61 -4.57 -20.98
C LEU C 48 4.74 -3.21 -21.59
N ARG C 49 5.07 -3.20 -22.88
CA ARG C 49 5.04 -2.02 -23.73
C ARG C 49 4.03 -2.25 -24.86
N ARG C 50 3.27 -1.23 -25.22
CA ARG C 50 2.41 -1.31 -26.41
C ARG C 50 3.21 -1.94 -27.53
N GLY C 51 2.66 -3.00 -28.12
CA GLY C 51 3.25 -3.66 -29.28
C GLY C 51 3.90 -4.98 -28.89
N ASP C 52 4.19 -5.14 -27.61
CA ASP C 52 4.84 -6.38 -27.15
C ASP C 52 3.99 -7.60 -27.56
N ARG C 53 4.63 -8.63 -28.08
CA ARG C 53 3.90 -9.86 -28.37
C ARG C 53 4.09 -10.83 -27.22
N VAL C 54 2.99 -11.19 -26.58
CA VAL C 54 3.00 -12.01 -25.36
C VAL C 54 2.36 -13.38 -25.60
N GLN C 55 3.12 -14.46 -25.44
CA GLN C 55 2.54 -15.79 -25.52
C GLN C 55 1.95 -16.15 -24.15
N VAL C 56 0.68 -16.50 -24.14
CA VAL C 56 0.01 -16.83 -22.91
C VAL C 56 0.22 -18.32 -22.64
N LEU C 57 0.95 -18.61 -21.56
CA LEU C 57 1.22 -19.98 -21.16
C LEU C 57 0.06 -20.57 -20.35
N SER C 58 -0.66 -19.71 -19.62
CA SER C 58 -1.75 -20.16 -18.79
C SER C 58 -2.64 -18.99 -18.42
N GLN C 59 -3.92 -19.26 -18.30
CA GLN C 59 -4.87 -18.28 -17.76
C GLN C 59 -5.29 -18.66 -16.32
N ASP C 60 -4.77 -19.77 -15.78
CA ASP C 60 -5.30 -20.36 -14.54
C ASP C 60 -4.80 -19.52 -13.39
N CYS C 61 -5.72 -18.97 -12.61
CA CYS C 61 -5.35 -18.22 -11.41
C CYS C 61 -4.79 -19.15 -10.31
N ALA C 62 -5.07 -20.45 -10.40
CA ALA C 62 -4.35 -21.44 -9.59
C ALA C 62 -2.84 -21.41 -9.89
N VAL C 63 -2.48 -20.89 -11.07
CA VAL C 63 -1.09 -20.72 -11.47
C VAL C 63 -0.58 -19.28 -11.28
N SER C 64 -1.35 -18.27 -11.71
CA SER C 64 -0.88 -16.87 -11.59
C SER C 64 -0.99 -16.36 -10.17
N GLY C 65 -1.96 -16.88 -9.43
CA GLY C 65 -2.24 -16.41 -8.07
C GLY C 65 -3.40 -15.43 -7.94
N ASP C 66 -4.03 -15.01 -9.05
CA ASP C 66 -5.14 -14.05 -8.94
C ASP C 66 -5.93 -13.92 -10.22
N GLU C 67 -7.26 -13.84 -10.07
CA GLU C 67 -8.21 -13.73 -11.19
C GLU C 67 -7.87 -12.53 -12.07
N GLY C 68 -7.88 -12.73 -13.38
CA GLY C 68 -7.56 -11.68 -14.30
C GLY C 68 -6.13 -11.59 -14.71
N TRP C 69 -5.26 -12.25 -13.94
CA TRP C 69 -3.83 -12.28 -14.20
C TRP C 69 -3.42 -13.59 -14.88
N TRP C 70 -2.71 -13.46 -16.00
CA TRP C 70 -2.33 -14.57 -16.80
C TRP C 70 -0.82 -14.68 -16.73
N THR C 71 -0.35 -15.86 -17.10
CA THR C 71 1.08 -16.15 -17.21
C THR C 71 1.51 -16.04 -18.65
N GLY C 72 2.54 -15.22 -18.89
CA GLY C 72 2.95 -14.91 -20.24
C GLY C 72 4.41 -15.05 -20.47
N GLN C 73 4.78 -15.36 -21.72
CA GLN C 73 6.19 -15.38 -22.13
C GLN C 73 6.43 -14.32 -23.20
N LEU C 74 7.47 -13.54 -23.01
CA LEU C 74 7.86 -12.48 -23.96
C LEU C 74 8.92 -13.03 -24.89
N PRO C 75 9.14 -12.37 -26.02
CA PRO C 75 10.13 -12.84 -26.96
C PRO C 75 11.52 -12.95 -26.33
N SER C 76 11.82 -12.11 -25.34
CA SER C 76 13.10 -12.10 -24.63
C SER C 76 13.39 -13.43 -23.91
N GLY C 77 12.35 -14.26 -23.78
CA GLY C 77 12.48 -15.55 -23.09
C GLY C 77 11.75 -15.48 -21.77
N ARG C 78 11.69 -14.27 -21.21
CA ARG C 78 11.22 -14.07 -19.86
C ARG C 78 9.71 -14.32 -19.67
N VAL C 79 9.42 -15.04 -18.59
CA VAL C 79 8.10 -15.50 -18.23
C VAL C 79 7.70 -14.72 -16.98
N GLY C 80 6.41 -14.42 -16.84
CA GLY C 80 5.91 -13.72 -15.64
C GLY C 80 4.41 -13.60 -15.69
N VAL C 81 3.81 -12.99 -14.67
CA VAL C 81 2.38 -12.76 -14.70
C VAL C 81 2.12 -11.35 -15.16
N PHE C 82 0.94 -11.15 -15.74
CA PHE C 82 0.54 -9.87 -16.31
C PHE C 82 -0.97 -9.74 -16.28
N PRO C 83 -1.42 -8.48 -16.17
CA PRO C 83 -2.87 -8.26 -16.11
C PRO C 83 -3.49 -8.39 -17.50
N SER C 84 -4.50 -9.25 -17.59
CA SER C 84 -5.05 -9.60 -18.89
C SER C 84 -5.81 -8.45 -19.59
N ASN C 85 -6.14 -7.38 -18.86
CA ASN C 85 -6.83 -6.26 -19.51
C ASN C 85 -5.85 -5.36 -20.35
N TYR C 86 -4.60 -5.78 -20.49
CA TYR C 86 -3.62 -4.98 -21.23
C TYR C 86 -3.29 -5.56 -22.58
N VAL C 87 -3.88 -6.72 -22.92
CA VAL C 87 -3.60 -7.35 -24.22
C VAL C 87 -4.82 -7.51 -25.11
N ALA C 88 -4.58 -7.66 -26.40
CA ALA C 88 -5.64 -7.79 -27.36
C ALA C 88 -5.26 -8.89 -28.35
N PRO C 89 -6.28 -9.56 -28.93
CA PRO C 89 -5.97 -10.60 -29.88
C PRO C 89 -5.19 -10.06 -31.08
N GLY D 29 12.58 3.01 6.73
CA GLY D 29 11.95 3.23 8.10
C GLY D 29 10.56 3.86 8.04
N PRO D 30 9.64 3.48 8.96
CA PRO D 30 8.29 4.05 8.84
C PRO D 30 8.23 5.52 9.22
N VAL D 31 7.40 6.28 8.52
CA VAL D 31 7.34 7.72 8.68
C VAL D 31 6.03 8.07 9.34
N TRP D 32 6.14 8.67 10.54
CA TRP D 32 4.99 9.19 11.29
C TRP D 32 4.93 10.70 11.15
N THR D 33 3.73 11.28 11.22
CA THR D 33 3.61 12.73 11.00
C THR D 33 3.26 13.45 12.31
N ALA D 34 4.04 14.47 12.67
CA ALA D 34 3.74 15.26 13.86
C ALA D 34 2.41 15.91 13.72
N VAL D 35 1.58 15.77 14.76
CA VAL D 35 0.27 16.38 14.80
C VAL D 35 0.23 17.57 15.75
N PHE D 36 1.18 17.67 16.69
CA PHE D 36 1.34 18.82 17.62
C PHE D 36 2.79 19.26 17.66
N ASP D 37 3.01 20.50 18.06
CA ASP D 37 4.35 21.04 18.25
C ASP D 37 4.90 20.51 19.59
N TYR D 38 6.17 20.13 19.60
CA TYR D 38 6.88 19.70 20.82
C TYR D 38 8.20 20.46 20.85
N GLU D 39 8.46 21.17 21.94
CA GLU D 39 9.71 21.85 22.13
C GLU D 39 10.66 20.92 22.92
N ALA D 40 11.82 20.65 22.35
CA ALA D 40 12.82 19.82 23.06
C ALA D 40 13.13 20.34 24.47
N ALA D 41 13.09 19.43 25.44
CA ALA D 41 13.49 19.70 26.81
C ALA D 41 14.94 19.40 27.14
N GLY D 42 15.69 18.84 26.21
CA GLY D 42 17.12 18.72 26.33
C GLY D 42 17.70 18.35 24.97
N ASP D 43 19.02 18.40 24.80
CA ASP D 43 19.62 18.27 23.43
C ASP D 43 19.44 16.90 22.82
N GLU D 44 19.09 15.90 23.64
CA GLU D 44 18.86 14.54 23.15
C GLU D 44 17.48 14.36 22.55
N GLU D 45 16.63 15.36 22.73
CA GLU D 45 15.26 15.31 22.24
C GLU D 45 15.13 16.09 20.96
N LEU D 46 14.20 15.65 20.12
CA LEU D 46 13.79 16.38 18.95
C LEU D 46 12.76 17.48 19.28
N THR D 47 12.85 18.59 18.54
CA THR D 47 11.77 19.58 18.47
C THR D 47 10.96 19.12 17.27
N LEU D 48 9.67 19.00 17.49
CA LEU D 48 8.71 18.70 16.43
C LEU D 48 7.85 19.92 16.12
N ARG D 49 7.58 20.13 14.83
CA ARG D 49 6.55 21.06 14.36
C ARG D 49 5.49 20.31 13.59
N ARG D 50 4.24 20.70 13.80
CA ARG D 50 3.10 20.16 13.07
C ARG D 50 3.45 19.94 11.61
N GLY D 51 3.28 18.70 11.16
CA GLY D 51 3.44 18.36 9.74
C GLY D 51 4.80 17.71 9.50
N ASP D 52 5.69 17.78 10.47
CA ASP D 52 7.01 17.16 10.33
C ASP D 52 6.87 15.65 10.09
N ARG D 53 7.61 15.15 9.12
CA ARG D 53 7.69 13.72 8.85
C ARG D 53 8.89 13.18 9.60
N VAL D 54 8.61 12.28 10.54
CA VAL D 54 9.63 11.70 11.40
C VAL D 54 9.78 10.24 11.04
N GLN D 55 10.96 9.86 10.55
CA GLN D 55 11.30 8.45 10.32
C GLN D 55 11.61 7.83 11.70
N VAL D 56 10.88 6.78 12.06
CA VAL D 56 11.07 6.15 13.35
C VAL D 56 12.12 5.06 13.18
N LEU D 57 13.21 5.21 13.93
CA LEU D 57 14.32 4.26 13.93
C LEU D 57 14.06 3.16 14.93
N SER D 58 13.39 3.52 16.03
CA SER D 58 13.04 2.53 17.02
C SER D 58 11.89 2.98 17.87
N GLN D 59 11.04 2.02 18.27
CA GLN D 59 10.04 2.31 19.28
C GLN D 59 10.52 1.85 20.66
N ASP D 60 11.69 1.21 20.77
CA ASP D 60 12.15 0.55 22.03
C ASP D 60 12.47 1.57 23.14
N CYS D 61 11.92 1.37 24.35
CA CYS D 61 12.32 2.19 25.51
C CYS D 61 13.74 1.87 25.96
N ALA D 62 14.17 0.61 25.76
CA ALA D 62 15.57 0.22 25.92
C ALA D 62 16.53 1.08 25.11
N VAL D 63 16.08 1.57 23.95
CA VAL D 63 16.86 2.48 23.10
C VAL D 63 16.62 3.95 23.46
N SER D 64 15.36 4.37 23.55
CA SER D 64 15.05 5.75 23.85
C SER D 64 15.35 6.12 25.31
N GLY D 65 15.32 5.13 26.18
CA GLY D 65 15.45 5.35 27.63
C GLY D 65 14.16 5.63 28.39
N ASP D 66 12.99 5.62 27.73
CA ASP D 66 11.75 5.87 28.46
C ASP D 66 10.51 5.42 27.73
N GLU D 67 9.59 4.79 28.44
CA GLU D 67 8.36 4.25 27.83
C GLU D 67 7.64 5.40 27.11
N GLY D 68 7.27 5.15 25.86
CA GLY D 68 6.50 6.08 25.05
C GLY D 68 7.35 7.08 24.28
N TRP D 69 8.65 7.13 24.58
CA TRP D 69 9.57 7.90 23.80
C TRP D 69 10.16 7.02 22.74
N TRP D 70 10.18 7.52 21.54
CA TRP D 70 10.71 6.80 20.40
C TRP D 70 11.94 7.52 19.88
N THR D 71 12.70 6.83 19.06
CA THR D 71 13.86 7.44 18.41
C THR D 71 13.54 7.73 16.95
N GLY D 72 13.75 8.98 16.55
CA GLY D 72 13.37 9.40 15.22
C GLY D 72 14.47 10.16 14.52
N GLN D 73 14.27 10.31 13.21
CA GLN D 73 15.13 11.07 12.35
C GLN D 73 14.26 11.99 11.53
N LEU D 74 14.56 13.28 11.61
CA LEU D 74 13.87 14.30 10.83
C LEU D 74 14.44 14.37 9.44
N PRO D 75 13.75 15.06 8.51
CA PRO D 75 14.26 15.22 7.15
C PRO D 75 15.64 15.90 7.07
N SER D 76 15.94 16.81 7.99
CA SER D 76 17.32 17.34 8.18
C SER D 76 18.39 16.28 8.42
N GLY D 77 17.99 15.11 8.92
CA GLY D 77 18.94 14.06 9.30
C GLY D 77 19.26 14.07 10.79
N ARG D 78 18.68 15.03 11.51
CA ARG D 78 18.78 15.09 12.94
C ARG D 78 18.08 13.87 13.54
N VAL D 79 18.79 13.20 14.46
CA VAL D 79 18.30 12.02 15.14
C VAL D 79 18.12 12.40 16.59
N GLY D 80 17.02 11.98 17.20
CA GLY D 80 16.86 12.23 18.62
C GLY D 80 15.65 11.49 19.14
N VAL D 81 15.36 11.61 20.42
CA VAL D 81 14.18 10.91 20.92
C VAL D 81 13.00 11.92 20.98
N PHE D 82 11.80 11.42 20.85
CA PHE D 82 10.65 12.28 20.86
C PHE D 82 9.39 11.57 21.47
N PRO D 83 8.43 12.36 21.99
CA PRO D 83 7.21 11.78 22.59
C PRO D 83 6.26 11.31 21.52
N SER D 84 5.94 10.02 21.55
CA SER D 84 5.17 9.36 20.52
C SER D 84 3.72 9.86 20.50
N ASN D 85 3.25 10.49 21.58
CA ASN D 85 1.91 11.05 21.64
C ASN D 85 1.79 12.32 20.77
N TYR D 86 2.86 12.73 20.09
CA TYR D 86 2.79 13.93 19.24
C TYR D 86 2.70 13.58 17.75
N VAL D 87 2.71 12.28 17.41
CA VAL D 87 2.73 11.87 15.99
C VAL D 87 1.57 10.94 15.66
N ALA D 88 1.15 10.91 14.37
CA ALA D 88 0.13 10.01 13.91
C ALA D 88 0.59 9.35 12.62
N PRO D 89 -0.05 8.23 12.24
CA PRO D 89 0.26 7.65 10.95
C PRO D 89 -0.01 8.63 9.80
C1 EDO E . 2.93 7.75 5.50
O1 EDO E . 4.12 6.94 5.43
C2 EDO E . 1.66 6.92 5.26
O2 EDO E . 1.98 5.68 4.60
C1 EDO F . 9.71 15.15 30.45
O1 EDO F . 8.49 14.39 30.43
C2 EDO F . 10.05 15.76 29.08
O2 EDO F . 11.48 15.63 28.92
#